data_5IE9
#
_entry.id   5IE9
#
_cell.length_a   90.578
_cell.length_b   90.578
_cell.length_c   97.056
_cell.angle_alpha   90.000
_cell.angle_beta   90.000
_cell.angle_gamma   120.000
#
_symmetry.space_group_name_H-M   'P 32'
#
loop_
_entity.id
_entity.type
_entity.pdbx_description
1 polymer 'Nucleotide pyrophosphohydrolase'
2 non-polymer 'MANGANESE (II) ION'
#
_entity_poly.entity_id   1
_entity_poly.type   'polypeptide(L)'
_entity_poly.pdbx_seq_one_letter_code
;MEAKTMKDMQKEVDAYIGQFKEGYFSPLAMMARLTEEMGELAREVNHYYGEKPKKTTEKERSIEEELGDVLFVMICMANS
LNIDLETAHNIVMNKFNTRDKDR
;
_entity_poly.pdbx_strand_id   A,B,C,D
#
loop_
_chem_comp.id
_chem_comp.type
_chem_comp.name
_chem_comp.formula
MN non-polymer 'MANGANESE (II) ION' 'Mn 2'
#
# COMPACT_ATOMS: atom_id res chain seq x y z
N MET A 1 13.97 1.73 31.96
CA MET A 1 14.90 0.73 32.58
C MET A 1 14.57 -0.70 32.17
N GLU A 2 13.28 -1.02 32.05
CA GLU A 2 12.81 -2.33 31.57
C GLU A 2 11.74 -2.19 30.47
N ALA A 3 11.46 -3.30 29.80
CA ALA A 3 10.61 -3.33 28.60
C ALA A 3 9.16 -2.87 28.83
N LYS A 4 8.65 -2.14 27.84
CA LYS A 4 7.28 -1.61 27.82
C LYS A 4 6.33 -2.61 27.17
N THR A 5 5.13 -2.72 27.75
CA THR A 5 4.10 -3.62 27.21
C THR A 5 3.33 -2.97 26.07
N MET A 6 2.82 -3.80 25.16
CA MET A 6 1.96 -3.37 24.05
C MET A 6 0.72 -2.60 24.55
N LYS A 7 0.13 -3.06 25.66
CA LYS A 7 -1.02 -2.40 26.28
C LYS A 7 -0.69 -0.96 26.69
N ASP A 8 0.48 -0.77 27.30
CA ASP A 8 0.98 0.55 27.69
C ASP A 8 1.24 1.44 26.47
N MET A 9 1.85 0.89 25.43
CA MET A 9 2.12 1.61 24.18
C MET A 9 0.81 2.14 23.56
N GLN A 10 -0.24 1.34 23.63
CA GLN A 10 -1.57 1.75 23.18
C GLN A 10 -2.18 2.83 24.08
N LYS A 11 -2.07 2.65 25.40
CA LYS A 11 -2.47 3.66 26.39
C LYS A 11 -1.75 5.00 26.22
N GLU A 12 -0.46 4.94 25.84
CA GLU A 12 0.39 6.10 25.59
C GLU A 12 -0.12 6.92 24.40
N VAL A 13 -0.49 6.24 23.31
CA VAL A 13 -1.01 6.86 22.10
C VAL A 13 -2.41 7.42 22.35
N ASP A 14 -3.23 6.66 23.09
CA ASP A 14 -4.57 7.07 23.45
C ASP A 14 -4.59 8.32 24.33
N ALA A 15 -3.60 8.44 25.21
CA ALA A 15 -3.43 9.62 26.07
C ALA A 15 -3.05 10.86 25.23
N TYR A 16 -2.23 10.67 24.20
CA TYR A 16 -1.79 11.73 23.32
C TYR A 16 -2.94 12.25 22.44
N ILE A 17 -3.66 11.33 21.81
CA ILE A 17 -4.81 11.65 20.97
C ILE A 17 -5.97 12.22 21.81
N GLY A 18 -6.06 11.76 23.07
CA GLY A 18 -7.09 12.17 24.01
C GLY A 18 -7.21 13.66 24.29
N GLN A 19 -6.10 14.39 24.13
CA GLN A 19 -6.06 15.83 24.40
C GLN A 19 -6.70 16.69 23.30
N PHE A 20 -6.84 16.13 22.11
CA PHE A 20 -7.40 16.87 20.96
C PHE A 20 -8.92 16.80 20.88
N LYS A 21 -9.53 17.95 20.55
CA LYS A 21 -10.97 18.06 20.29
C LYS A 21 -11.43 17.07 19.22
N GLU A 22 -10.63 16.90 18.16
CA GLU A 22 -10.98 16.04 17.02
C GLU A 22 -10.93 14.55 17.34
N GLY A 23 -9.91 14.11 18.07
CA GLY A 23 -9.75 12.69 18.40
C GLY A 23 -9.29 11.87 17.22
N TYR A 24 -9.81 10.65 17.10
CA TYR A 24 -9.36 9.71 16.07
C TYR A 24 -9.97 10.00 14.71
N PHE A 25 -9.13 9.88 13.68
CA PHE A 25 -9.56 9.81 12.28
C PHE A 25 -10.53 8.63 12.15
N SER A 26 -11.56 8.81 11.31
CA SER A 26 -12.52 7.73 11.01
C SER A 26 -11.79 6.56 10.33
N PRO A 27 -12.29 5.31 10.48
CA PRO A 27 -11.54 4.15 9.99
C PRO A 27 -11.03 4.25 8.54
N LEU A 28 -11.85 4.76 7.62
CA LEU A 28 -11.47 4.89 6.22
C LEU A 28 -10.37 5.95 5.97
N ALA A 29 -10.41 7.02 6.76
CA ALA A 29 -9.35 8.03 6.80
C ALA A 29 -8.03 7.50 7.38
N MET A 30 -8.13 6.65 8.42
CA MET A 30 -6.99 5.94 9.00
C MET A 30 -6.31 5.09 7.96
N MET A 31 -7.10 4.37 7.18
CA MET A 31 -6.58 3.49 6.13
C MET A 31 -5.77 4.29 5.11
N ALA A 32 -6.26 5.48 4.75
CA ALA A 32 -5.53 6.41 3.88
C ALA A 32 -4.22 6.81 4.53
N ARG A 33 -4.26 7.18 5.81
CA ARG A 33 -3.08 7.51 6.61
C ARG A 33 -2.06 6.38 6.64
N LEU A 34 -2.54 5.16 6.87
CA LEU A 34 -1.74 3.95 6.88
C LEU A 34 -1.08 3.68 5.53
N THR A 35 -1.80 3.94 4.44
CA THR A 35 -1.26 3.76 3.09
C THR A 35 -0.14 4.75 2.86
N GLU A 36 -0.34 6.00 3.29
CA GLU A 36 0.66 7.07 3.25
C GLU A 36 1.96 6.72 3.99
N GLU A 37 1.85 6.16 5.20
CA GLU A 37 3.03 5.81 5.97
C GLU A 37 3.79 4.64 5.36
N MET A 38 3.05 3.66 4.85
CA MET A 38 3.61 2.49 4.20
C MET A 38 4.48 2.88 3.00
N GLY A 39 4.05 3.92 2.28
CA GLY A 39 4.78 4.43 1.14
C GLY A 39 6.12 5.02 1.54
N GLU A 40 6.13 5.71 2.69
CA GLU A 40 7.35 6.26 3.24
C GLU A 40 8.31 5.17 3.71
N LEU A 41 7.77 4.11 4.31
CA LEU A 41 8.57 2.94 4.63
C LEU A 41 9.16 2.35 3.37
N ALA A 42 8.30 2.13 2.36
CA ALA A 42 8.71 1.57 1.06
C ALA A 42 9.84 2.35 0.42
N ARG A 43 9.69 3.69 0.43
CA ARG A 43 10.72 4.61 -0.05
C ARG A 43 12.05 4.28 0.63
N GLU A 44 12.02 4.18 1.96
CA GLU A 44 13.23 4.05 2.75
C GLU A 44 13.86 2.66 2.63
N VAL A 45 13.04 1.62 2.57
CA VAL A 45 13.51 0.25 2.26
C VAL A 45 14.23 0.23 0.91
N ASN A 46 13.60 0.83 -0.12
CA ASN A 46 14.20 0.93 -1.45
C ASN A 46 15.54 1.68 -1.47
N HIS A 47 15.61 2.77 -0.70
CA HIS A 47 16.81 3.62 -0.56
C HIS A 47 18.01 2.82 -0.05
N TYR A 48 17.80 2.07 1.04
CA TYR A 48 18.88 1.34 1.71
C TYR A 48 19.10 -0.09 1.21
N TYR A 49 18.13 -0.65 0.48
CA TYR A 49 18.20 -2.07 0.05
C TYR A 49 17.87 -2.37 -1.44
N GLY A 50 17.71 -1.31 -2.24
CA GLY A 50 17.42 -1.44 -3.67
C GLY A 50 18.67 -1.41 -4.53
N GLU A 60 19.37 2.78 8.09
CA GLU A 60 19.65 2.32 9.45
C GLU A 60 18.72 2.98 10.48
N ARG A 61 18.89 4.29 10.69
CA ARG A 61 18.08 5.07 11.64
C ARG A 61 16.78 5.58 11.00
N SER A 62 16.87 6.02 9.74
CA SER A 62 15.73 6.54 8.97
C SER A 62 14.64 5.49 8.75
N ILE A 63 15.06 4.24 8.56
CA ILE A 63 14.14 3.10 8.41
C ILE A 63 13.51 2.68 9.75
N GLU A 64 14.27 2.77 10.83
CA GLU A 64 13.78 2.56 12.19
C GLU A 64 12.66 3.54 12.53
N GLU A 65 12.82 4.80 12.14
CA GLU A 65 11.81 5.83 12.33
C GLU A 65 10.54 5.60 11.50
N GLU A 66 10.70 5.18 10.24
CA GLU A 66 9.55 4.99 9.36
C GLU A 66 8.68 3.80 9.77
N LEU A 67 9.30 2.78 10.38
CA LEU A 67 8.57 1.70 11.03
C LEU A 67 7.77 2.19 12.23
N GLY A 68 8.38 3.08 13.03
CA GLY A 68 7.72 3.73 14.15
C GLY A 68 6.47 4.47 13.70
N ASP A 69 6.61 5.21 12.60
CA ASP A 69 5.50 5.96 11.99
C ASP A 69 4.31 5.07 11.60
N VAL A 70 4.58 3.94 10.94
CA VAL A 70 3.52 2.99 10.57
C VAL A 70 2.90 2.35 11.83
N LEU A 71 3.75 1.99 12.80
CA LEU A 71 3.30 1.40 14.05
C LEU A 71 2.37 2.34 14.82
N PHE A 72 2.66 3.64 14.78
CA PHE A 72 1.83 4.64 15.43
C PHE A 72 0.42 4.64 14.87
N VAL A 73 0.31 4.65 13.53
CA VAL A 73 -0.97 4.70 12.82
C VAL A 73 -1.73 3.40 13.07
N MET A 74 -1.00 2.28 13.11
CA MET A 74 -1.54 0.98 13.51
C MET A 74 -2.23 1.08 14.87
N ILE A 75 -1.51 1.66 15.84
CA ILE A 75 -2.02 1.80 17.20
C ILE A 75 -3.27 2.70 17.22
N CYS A 76 -3.20 3.79 16.48
CA CYS A 76 -4.33 4.70 16.31
C CYS A 76 -5.57 3.97 15.79
N MET A 77 -5.36 3.17 14.73
CA MET A 77 -6.39 2.35 14.11
C MET A 77 -6.99 1.39 15.15
N ALA A 78 -6.12 0.69 15.89
CA ALA A 78 -6.53 -0.29 16.87
C ALA A 78 -7.31 0.33 18.02
N ASN A 79 -6.80 1.45 18.55
CA ASN A 79 -7.44 2.20 19.63
C ASN A 79 -8.83 2.69 19.21
N SER A 80 -8.88 3.28 18.01
CA SER A 80 -10.12 3.73 17.36
C SER A 80 -11.26 2.71 17.37
N LEU A 81 -10.91 1.43 17.27
CA LEU A 81 -11.89 0.34 17.18
C LEU A 81 -11.85 -0.60 18.39
N ASN A 82 -11.32 -0.09 19.51
CA ASN A 82 -11.14 -0.84 20.77
C ASN A 82 -10.57 -2.24 20.58
N ILE A 83 -9.51 -2.32 19.78
CA ILE A 83 -8.82 -3.56 19.47
C ILE A 83 -7.49 -3.57 20.20
N ASP A 84 -7.25 -4.66 20.92
CA ASP A 84 -5.99 -4.84 21.65
C ASP A 84 -5.01 -5.63 20.78
N LEU A 85 -3.89 -4.98 20.45
CA LEU A 85 -2.87 -5.57 19.56
C LEU A 85 -2.09 -6.76 20.16
N GLU A 86 -2.10 -6.88 21.50
CA GLU A 86 -1.58 -8.07 22.15
C GLU A 86 -2.45 -9.28 21.80
N THR A 87 -3.77 -9.11 21.92
CA THR A 87 -4.74 -10.15 21.53
C THR A 87 -4.62 -10.46 20.03
N ALA A 88 -4.54 -9.43 19.20
CA ALA A 88 -4.37 -9.58 17.76
C ALA A 88 -3.17 -10.44 17.42
N HIS A 89 -2.01 -10.06 17.96
CA HIS A 89 -0.74 -10.80 17.81
C HIS A 89 -0.88 -12.27 18.23
N ASN A 90 -1.60 -12.50 19.33
CA ASN A 90 -1.81 -13.83 19.87
C ASN A 90 -2.63 -14.76 19.00
N ILE A 91 -3.62 -14.22 18.28
CA ILE A 91 -4.43 -15.06 17.36
C ILE A 91 -3.63 -15.49 16.12
N VAL A 92 -2.69 -14.63 15.71
CA VAL A 92 -1.76 -14.93 14.63
C VAL A 92 -0.76 -16.03 15.04
N MET A 93 -0.21 -15.92 16.24
CA MET A 93 0.67 -16.97 16.79
C MET A 93 -0.04 -18.31 16.91
N ASN A 94 -1.27 -18.28 17.41
CA ASN A 94 -2.13 -19.47 17.50
C ASN A 94 -2.41 -20.12 16.15
N LYS A 95 -2.67 -19.29 15.15
CA LYS A 95 -2.87 -19.70 13.77
C LYS A 95 -1.65 -20.43 13.20
N PHE A 96 -0.45 -20.01 13.60
CA PHE A 96 0.79 -20.60 13.09
C PHE A 96 1.30 -21.78 13.91
N ASN A 97 1.06 -21.77 15.23
CA ASN A 97 1.54 -22.83 16.12
C ASN A 97 0.89 -24.18 15.82
N THR A 98 1.65 -24.99 15.09
CA THR A 98 1.27 -26.31 14.61
C THR A 98 1.01 -27.32 15.74
N ARG A 99 0.20 -28.34 15.45
CA ARG A 99 -0.08 -29.43 16.40
C ARG A 99 1.00 -30.53 16.38
N ASP A 100 2.16 -30.22 15.80
CA ASP A 100 3.31 -31.15 15.71
C ASP A 100 4.13 -31.13 17.00
N LYS A 101 4.23 -32.30 17.62
CA LYS A 101 4.96 -32.50 18.89
C LYS A 101 6.46 -32.24 18.78
N ASP A 102 7.03 -32.53 17.61
CA ASP A 102 8.47 -32.38 17.36
C ASP A 102 8.93 -30.91 17.26
N ARG A 103 7.96 -30.01 17.12
CA ARG A 103 8.20 -28.56 16.99
C ARG A 103 7.41 -27.78 18.05
N MET B 1 -2.67 -13.89 32.15
CA MET B 1 -2.60 -12.42 32.37
C MET B 1 -1.16 -11.98 32.67
N GLU B 2 -0.45 -11.55 31.63
CA GLU B 2 0.98 -11.19 31.73
C GLU B 2 1.25 -9.79 32.34
N ALA B 3 1.11 -8.66 31.61
CA ALA B 3 0.83 -8.54 30.17
C ALA B 3 2.13 -8.46 29.35
N LYS B 4 2.02 -8.73 28.05
CA LYS B 4 3.16 -8.99 27.18
C LYS B 4 3.88 -7.74 26.65
N THR B 5 5.21 -7.77 26.69
CA THR B 5 6.04 -6.66 26.19
C THR B 5 6.35 -6.80 24.72
N MET B 6 6.53 -5.66 24.05
CA MET B 6 6.90 -5.61 22.63
C MET B 6 8.17 -6.43 22.33
N LYS B 7 9.16 -6.34 23.22
CA LYS B 7 10.42 -7.10 23.10
C LYS B 7 10.18 -8.61 23.05
N ASP B 8 9.31 -9.10 23.94
CA ASP B 8 8.90 -10.51 23.96
C ASP B 8 8.16 -10.93 22.69
N MET B 9 7.23 -10.08 22.23
CA MET B 9 6.48 -10.33 20.99
C MET B 9 7.42 -10.51 19.79
N GLN B 10 8.46 -9.69 19.74
CA GLN B 10 9.52 -9.79 18.73
C GLN B 10 10.38 -11.05 18.91
N LYS B 11 10.74 -11.36 20.15
CA LYS B 11 11.46 -12.61 20.50
C LYS B 11 10.67 -13.86 20.11
N GLU B 12 9.35 -13.79 20.27
CA GLU B 12 8.42 -14.87 19.97
C GLU B 12 8.34 -15.15 18.46
N VAL B 13 8.34 -14.08 17.65
CA VAL B 13 8.30 -14.19 16.19
C VAL B 13 9.64 -14.68 15.66
N ASP B 14 10.73 -14.16 16.24
CA ASP B 14 12.09 -14.59 15.93
C ASP B 14 12.33 -16.07 16.19
N ALA B 15 11.74 -16.58 17.28
CA ALA B 15 11.82 -18.01 17.63
C ALA B 15 11.05 -18.90 16.64
N TYR B 16 9.90 -18.39 16.18
CA TYR B 16 9.07 -19.07 15.19
C TYR B 16 9.77 -19.15 13.83
N ILE B 17 10.27 -18.02 13.34
CA ILE B 17 11.01 -17.94 12.08
C ILE B 17 12.33 -18.73 12.16
N GLY B 18 12.98 -18.69 13.32
CA GLY B 18 14.27 -19.34 13.56
C GLY B 18 14.34 -20.84 13.33
N GLN B 19 13.18 -21.50 13.28
CA GLN B 19 13.11 -22.94 13.04
C GLN B 19 13.22 -23.31 11.55
N PHE B 20 12.95 -22.36 10.67
CA PHE B 20 12.99 -22.59 9.22
C PHE B 20 14.37 -22.36 8.63
N LYS B 21 14.77 -23.24 7.71
CA LYS B 21 16.01 -23.12 6.94
C LYS B 21 16.10 -21.80 6.20
N GLU B 22 14.96 -21.35 5.66
CA GLU B 22 14.87 -20.17 4.81
C GLU B 22 15.07 -18.85 5.58
N GLY B 23 14.53 -18.78 6.80
CA GLY B 23 14.67 -17.58 7.63
C GLY B 23 13.81 -16.41 7.17
N TYR B 24 14.35 -15.20 7.28
CA TYR B 24 13.59 -13.99 6.94
C TYR B 24 13.64 -13.70 5.47
N PHE B 25 12.52 -13.20 4.94
CA PHE B 25 12.46 -12.59 3.61
C PHE B 25 13.44 -11.40 3.58
N SER B 26 14.07 -11.16 2.42
CA SER B 26 14.90 -9.98 2.20
C SER B 26 14.03 -8.71 2.31
N PRO B 27 14.61 -7.57 2.73
CA PRO B 27 13.79 -6.37 2.97
C PRO B 27 12.81 -6.00 1.83
N LEU B 28 13.23 -6.15 0.58
CA LEU B 28 12.40 -5.76 -0.57
C LEU B 28 11.21 -6.72 -0.78
N ALA B 29 11.48 -8.00 -0.51
CA ALA B 29 10.46 -9.04 -0.45
C ALA B 29 9.49 -8.85 0.72
N MET B 30 10.03 -8.47 1.89
CA MET B 30 9.26 -8.09 3.08
C MET B 30 8.29 -6.97 2.78
N MET B 31 8.79 -5.96 2.05
CA MET B 31 7.99 -4.79 1.71
C MET B 31 6.80 -5.19 0.86
N ALA B 32 7.03 -6.14 -0.07
CA ALA B 32 5.97 -6.71 -0.88
C ALA B 32 4.96 -7.43 0.00
N ARG B 33 5.45 -8.25 0.94
CA ARG B 33 4.61 -8.94 1.92
C ARG B 33 3.74 -7.97 2.70
N LEU B 34 4.36 -6.89 3.15
CA LEU B 34 3.68 -5.86 3.91
C LEU B 34 2.62 -5.13 3.09
N THR B 35 2.92 -4.88 1.81
CA THR B 35 1.96 -4.24 0.91
C THR B 35 0.74 -5.14 0.76
N GLU B 36 0.99 -6.45 0.63
CA GLU B 36 -0.03 -7.50 0.54
C GLU B 36 -0.96 -7.51 1.74
N GLU B 37 -0.40 -7.52 2.95
CA GLU B 37 -1.21 -7.55 4.17
C GLU B 37 -2.04 -6.29 4.35
N MET B 38 -1.47 -5.15 3.98
CA MET B 38 -2.14 -3.86 4.04
C MET B 38 -3.41 -3.83 3.19
N GLY B 39 -3.36 -4.50 2.04
CA GLY B 39 -4.50 -4.60 1.14
C GLY B 39 -5.63 -5.39 1.79
N GLU B 40 -5.26 -6.46 2.47
CA GLU B 40 -6.21 -7.28 3.21
C GLU B 40 -6.82 -6.53 4.39
N LEU B 41 -6.03 -5.69 5.04
CA LEU B 41 -6.57 -4.76 6.04
C LEU B 41 -7.55 -3.79 5.38
N ALA B 42 -7.14 -3.17 4.27
CA ALA B 42 -7.98 -2.20 3.54
C ALA B 42 -9.32 -2.78 3.11
N ARG B 43 -9.27 -4.02 2.60
CA ARG B 43 -10.46 -4.78 2.22
C ARG B 43 -11.41 -4.85 3.39
N GLU B 44 -10.86 -5.20 4.56
CA GLU B 44 -11.65 -5.43 5.76
C GLU B 44 -12.22 -4.15 6.35
N VAL B 45 -11.43 -3.07 6.33
CA VAL B 45 -11.89 -1.74 6.75
C VAL B 45 -13.03 -1.23 5.85
N ASN B 46 -12.89 -1.41 4.53
CA ASN B 46 -13.94 -1.03 3.58
C ASN B 46 -15.26 -1.80 3.80
N HIS B 47 -15.14 -3.10 4.09
CA HIS B 47 -16.28 -3.99 4.32
C HIS B 47 -17.15 -3.50 5.50
N TYR B 48 -16.49 -3.23 6.63
CA TYR B 48 -17.19 -2.90 7.86
C TYR B 48 -17.46 -1.40 8.07
N TYR B 49 -16.73 -0.54 7.34
CA TYR B 49 -16.83 0.92 7.55
C TYR B 49 -17.00 1.79 6.30
N GLY B 50 -17.11 1.16 5.13
CA GLY B 50 -17.38 1.85 3.87
C GLY B 50 -18.86 2.01 3.60
N GLU B 60 -16.66 -6.86 13.47
CA GLU B 60 -15.38 -6.17 13.32
C GLU B 60 -14.17 -7.05 13.65
N ARG B 61 -14.44 -8.25 14.18
CA ARG B 61 -13.41 -9.24 14.59
C ARG B 61 -12.41 -9.62 13.48
N SER B 62 -12.85 -9.54 12.22
CA SER B 62 -11.99 -9.75 11.06
C SER B 62 -10.92 -8.67 10.90
N ILE B 63 -11.20 -7.45 11.37
CA ILE B 63 -10.21 -6.36 11.39
C ILE B 63 -9.12 -6.64 12.42
N GLU B 64 -9.54 -7.15 13.60
CA GLU B 64 -8.60 -7.57 14.64
C GLU B 64 -7.57 -8.57 14.12
N GLU B 65 -8.02 -9.57 13.35
CA GLU B 65 -7.12 -10.54 12.73
C GLU B 65 -6.20 -9.91 11.66
N GLU B 66 -6.76 -9.07 10.79
CA GLU B 66 -5.96 -8.47 9.71
C GLU B 66 -4.95 -7.43 10.21
N LEU B 67 -5.27 -6.75 11.31
CA LEU B 67 -4.29 -5.90 12.01
C LEU B 67 -3.13 -6.74 12.55
N GLY B 68 -3.46 -7.88 13.16
CA GLY B 68 -2.47 -8.86 13.63
C GLY B 68 -1.53 -9.31 12.53
N ASP B 69 -2.09 -9.66 11.37
CA ASP B 69 -1.32 -10.08 10.19
C ASP B 69 -0.34 -9.01 9.70
N VAL B 70 -0.76 -7.75 9.76
CA VAL B 70 0.09 -6.62 9.39
C VAL B 70 1.20 -6.46 10.43
N LEU B 71 0.81 -6.52 11.72
CA LEU B 71 1.75 -6.45 12.84
C LEU B 71 2.83 -7.54 12.78
N PHE B 72 2.44 -8.73 12.32
CA PHE B 72 3.37 -9.85 12.20
C PHE B 72 4.50 -9.55 11.21
N VAL B 73 4.12 -9.05 10.02
CA VAL B 73 5.07 -8.77 8.94
C VAL B 73 5.98 -7.62 9.39
N MET B 74 5.40 -6.66 10.11
CA MET B 74 6.18 -5.57 10.68
C MET B 74 7.22 -6.05 11.68
N ILE B 75 6.83 -6.98 12.55
CA ILE B 75 7.75 -7.59 13.51
C ILE B 75 8.86 -8.33 12.76
N CYS B 76 8.47 -9.13 11.77
CA CYS B 76 9.41 -9.79 10.86
C CYS B 76 10.39 -8.81 10.23
N MET B 77 9.85 -7.73 9.65
CA MET B 77 10.63 -6.65 9.05
C MET B 77 11.66 -6.12 10.05
N ALA B 78 11.19 -5.81 11.26
CA ALA B 78 12.02 -5.23 12.30
C ALA B 78 13.13 -6.18 12.77
N ASN B 79 12.77 -7.43 13.04
CA ASN B 79 13.71 -8.47 13.45
C ASN B 79 14.80 -8.66 12.39
N SER B 80 14.36 -8.81 11.14
CA SER B 80 15.21 -8.88 9.94
C SER B 80 16.37 -7.86 9.92
N LEU B 81 16.11 -6.65 10.42
CA LEU B 81 17.09 -5.57 10.40
C LEU B 81 17.56 -5.17 11.80
N ASN B 82 17.41 -6.10 12.75
CA ASN B 82 17.75 -5.91 14.17
C ASN B 82 17.28 -4.58 14.74
N ILE B 83 16.02 -4.25 14.46
CA ILE B 83 15.38 -3.03 14.94
C ILE B 83 14.42 -3.40 16.08
N ASP B 84 14.56 -2.70 17.21
CA ASP B 84 13.66 -2.83 18.33
C ASP B 84 12.47 -1.87 18.15
N LEU B 85 11.27 -2.41 18.12
CA LEU B 85 10.05 -1.61 17.88
C LEU B 85 9.59 -0.76 19.07
N GLU B 86 10.04 -1.11 20.27
CA GLU B 86 9.83 -0.27 21.44
C GLU B 86 10.62 1.02 21.26
N THR B 87 11.88 0.89 20.85
CA THR B 87 12.76 2.05 20.55
C THR B 87 12.12 2.92 19.46
N ALA B 88 11.70 2.30 18.37
CA ALA B 88 11.03 2.98 17.26
C ALA B 88 9.82 3.80 17.73
N HIS B 89 8.95 3.17 18.52
CA HIS B 89 7.77 3.79 19.12
C HIS B 89 8.13 5.01 19.96
N ASN B 90 9.22 4.89 20.74
CA ASN B 90 9.71 5.96 21.60
C ASN B 90 10.22 7.17 20.86
N ILE B 91 10.87 6.98 19.70
CA ILE B 91 11.37 8.14 18.93
C ILE B 91 10.21 8.94 18.30
N VAL B 92 9.13 8.23 17.97
CA VAL B 92 7.92 8.84 17.42
C VAL B 92 7.18 9.64 18.51
N MET B 93 7.10 9.06 19.71
CA MET B 93 6.51 9.74 20.87
C MET B 93 7.31 10.97 21.29
N ASN B 94 8.64 10.89 21.19
CA ASN B 94 9.53 12.03 21.44
C ASN B 94 9.37 13.14 20.41
N LYS B 95 9.14 12.74 19.16
CA LYS B 95 8.86 13.63 18.04
C LYS B 95 7.61 14.46 18.29
N PHE B 96 6.56 13.83 18.86
CA PHE B 96 5.30 14.51 19.16
C PHE B 96 5.31 15.17 20.54
N ASN B 97 6.22 14.72 21.40
CA ASN B 97 6.43 15.35 22.71
C ASN B 97 6.72 16.84 22.54
N THR B 98 5.83 17.64 23.13
CA THR B 98 5.84 19.08 23.01
C THR B 98 6.70 19.74 24.10
N ARG B 99 7.23 20.92 23.80
CA ARG B 99 7.97 21.72 24.77
C ARG B 99 7.03 22.64 25.59
N ASP B 100 5.72 22.42 25.45
CA ASP B 100 4.68 23.17 26.17
C ASP B 100 4.51 22.60 27.59
N LYS B 101 4.68 23.47 28.59
CA LYS B 101 4.56 23.10 30.01
C LYS B 101 3.15 22.67 30.43
N ASP B 102 2.15 23.14 29.69
CA ASP B 102 0.74 22.91 30.02
C ASP B 102 0.19 21.58 29.49
N ARG B 103 1.00 20.86 28.72
CA ARG B 103 0.62 19.60 28.07
C ARG B 103 1.77 18.60 28.07
N MET C 1 -1.97 -3.09 -33.53
CA MET C 1 -2.65 -2.13 -32.61
C MET C 1 -4.09 -1.86 -33.06
N GLU C 2 -5.03 -1.99 -32.12
CA GLU C 2 -6.48 -1.79 -32.37
C GLU C 2 -6.89 -0.37 -32.83
N ALA C 3 -6.62 0.70 -32.08
CA ALA C 3 -5.98 0.74 -30.75
C ALA C 3 -6.72 1.72 -29.85
N LYS C 4 -6.99 1.28 -28.62
CA LYS C 4 -7.79 2.06 -27.68
C LYS C 4 -7.03 3.21 -27.06
N THR C 5 -7.65 4.38 -27.07
CA THR C 5 -7.12 5.56 -26.38
C THR C 5 -7.43 5.48 -24.89
N MET C 6 -6.60 6.15 -24.08
CA MET C 6 -6.85 6.31 -22.64
C MET C 6 -8.22 6.96 -22.37
N LYS C 7 -8.59 7.93 -23.21
CA LYS C 7 -9.90 8.58 -23.13
C LYS C 7 -11.06 7.60 -23.27
N ASP C 8 -10.94 6.68 -24.23
CA ASP C 8 -11.95 5.63 -24.45
C ASP C 8 -12.04 4.62 -23.31
N MET C 9 -10.89 4.16 -22.80
CA MET C 9 -10.84 3.23 -21.66
C MET C 9 -11.56 3.84 -20.44
N GLN C 10 -11.37 5.14 -20.23
CA GLN C 10 -12.06 5.90 -19.19
C GLN C 10 -13.56 6.00 -19.46
N LYS C 11 -13.94 6.30 -20.71
CA LYS C 11 -15.35 6.29 -21.17
C LYS C 11 -16.02 4.92 -20.97
N GLU C 12 -15.27 3.85 -21.26
CA GLU C 12 -15.72 2.47 -21.14
C GLU C 12 -16.04 2.09 -19.69
N VAL C 13 -15.20 2.55 -18.76
CA VAL C 13 -15.38 2.31 -17.32
C VAL C 13 -16.53 3.17 -16.79
N ASP C 14 -16.60 4.41 -17.28
CA ASP C 14 -17.68 5.33 -16.94
C ASP C 14 -19.04 4.81 -17.35
N ALA C 15 -19.10 4.15 -18.52
CA ALA C 15 -20.33 3.53 -19.04
C ALA C 15 -20.78 2.35 -18.17
N TYR C 16 -19.81 1.57 -17.67
CA TYR C 16 -20.07 0.41 -16.82
C TYR C 16 -20.58 0.82 -15.44
N ILE C 17 -19.96 1.84 -14.84
CA ILE C 17 -20.38 2.36 -13.53
C ILE C 17 -21.74 3.08 -13.64
N GLY C 18 -21.95 3.78 -14.75
CA GLY C 18 -23.18 4.56 -15.01
C GLY C 18 -24.50 3.81 -14.92
N GLN C 19 -24.45 2.48 -15.06
CA GLN C 19 -25.63 1.63 -14.99
C GLN C 19 -26.14 1.42 -13.55
N PHE C 20 -25.25 1.58 -12.57
CA PHE C 20 -25.57 1.34 -11.16
C PHE C 20 -26.11 2.56 -10.43
N LYS C 21 -27.06 2.31 -9.52
CA LYS C 21 -27.63 3.35 -8.65
C LYS C 21 -26.59 3.94 -7.72
N GLU C 22 -25.64 3.10 -7.30
CA GLU C 22 -24.54 3.47 -6.41
C GLU C 22 -23.63 4.55 -7.01
N GLY C 23 -23.24 4.37 -8.28
CA GLY C 23 -22.23 5.22 -8.92
C GLY C 23 -20.84 4.99 -8.33
N TYR C 24 -19.99 6.01 -8.41
CA TYR C 24 -18.62 5.90 -7.91
C TYR C 24 -18.57 5.90 -6.39
N PHE C 25 -17.63 5.13 -5.84
CA PHE C 25 -17.29 5.18 -4.42
C PHE C 25 -16.68 6.55 -4.10
N SER C 26 -16.88 7.02 -2.88
CA SER C 26 -16.27 8.27 -2.40
C SER C 26 -14.74 8.16 -2.45
N PRO C 27 -14.02 9.28 -2.68
CA PRO C 27 -12.55 9.23 -2.84
C PRO C 27 -11.77 8.45 -1.77
N LEU C 28 -12.20 8.55 -0.52
CA LEU C 28 -11.55 7.84 0.59
C LEU C 28 -11.81 6.32 0.54
N ALA C 29 -13.05 5.94 0.18
CA ALA C 29 -13.41 4.55 -0.11
C ALA C 29 -12.64 3.97 -1.30
N MET C 30 -12.46 4.77 -2.34
CA MET C 30 -11.61 4.45 -3.50
C MET C 30 -10.18 4.18 -3.10
N MET C 31 -9.66 5.02 -2.19
CA MET C 31 -8.28 4.91 -1.76
C MET C 31 -8.06 3.57 -1.08
N ALA C 32 -9.05 3.12 -0.31
CA ALA C 32 -9.06 1.79 0.31
C ALA C 32 -9.09 0.69 -0.75
N ARG C 33 -9.96 0.85 -1.75
CA ARG C 33 -10.03 -0.07 -2.91
C ARG C 33 -8.69 -0.24 -3.59
N LEU C 34 -8.01 0.87 -3.87
CA LEU C 34 -6.66 0.87 -4.44
C LEU C 34 -5.63 0.16 -3.59
N THR C 35 -5.67 0.39 -2.28
CA THR C 35 -4.73 -0.24 -1.36
C THR C 35 -4.94 -1.75 -1.43
N GLU C 36 -6.21 -2.16 -1.47
CA GLU C 36 -6.62 -3.56 -1.63
C GLU C 36 -6.09 -4.19 -2.93
N GLU C 37 -6.25 -3.49 -4.05
CA GLU C 37 -5.79 -4.01 -5.33
C GLU C 37 -4.28 -4.11 -5.42
N MET C 38 -3.59 -3.13 -4.83
CA MET C 38 -2.13 -3.08 -4.81
C MET C 38 -1.55 -4.27 -4.04
N GLY C 39 -2.28 -4.69 -3.01
CA GLY C 39 -1.91 -5.83 -2.18
C GLY C 39 -1.95 -7.11 -2.99
N GLU C 40 -2.98 -7.23 -3.83
CA GLU C 40 -3.14 -8.40 -4.69
C GLU C 40 -2.06 -8.45 -5.77
N LEU C 41 -1.69 -7.27 -6.30
CA LEU C 41 -0.54 -7.18 -7.19
C LEU C 41 0.75 -7.58 -6.46
N ALA C 42 0.95 -7.04 -5.26
CA ALA C 42 2.13 -7.36 -4.43
C ALA C 42 2.29 -8.86 -4.20
N ARG C 43 1.19 -9.50 -3.78
CA ARG C 43 1.09 -10.95 -3.63
C ARG C 43 1.62 -11.65 -4.87
N GLU C 44 1.17 -11.20 -6.04
CA GLU C 44 1.46 -11.89 -7.30
C GLU C 44 2.88 -11.65 -7.79
N VAL C 45 3.38 -10.41 -7.65
CA VAL C 45 4.79 -10.07 -7.92
C VAL C 45 5.71 -10.90 -7.02
N ASN C 46 5.40 -10.99 -5.74
CA ASN C 46 6.13 -11.86 -4.81
C ASN C 46 6.13 -13.35 -5.20
N HIS C 47 4.95 -13.86 -5.60
CA HIS C 47 4.77 -15.26 -6.02
C HIS C 47 5.68 -15.62 -7.21
N TYR C 48 5.71 -14.76 -8.22
CA TYR C 48 6.44 -15.01 -9.46
C TYR C 48 7.90 -14.52 -9.50
N TYR C 49 8.23 -13.53 -8.67
CA TYR C 49 9.56 -12.87 -8.71
C TYR C 49 10.27 -12.79 -7.33
N GLY C 50 9.61 -13.30 -6.29
CA GLY C 50 10.13 -13.26 -4.92
C GLY C 50 11.07 -14.39 -4.57
N GLU C 51 10.89 -14.94 -3.36
CA GLU C 51 11.86 -15.88 -2.76
C GLU C 51 11.16 -17.13 -2.20
N GLU C 60 2.53 -14.17 -16.30
CA GLU C 60 2.05 -13.21 -17.29
C GLU C 60 0.53 -13.03 -17.25
N ARG C 61 -0.21 -14.13 -17.07
CA ARG C 61 -1.67 -14.06 -17.01
C ARG C 61 -2.20 -13.50 -15.67
N SER C 62 -1.79 -14.12 -14.55
CA SER C 62 -2.19 -13.68 -13.20
C SER C 62 -1.68 -12.28 -12.85
N ILE C 63 -0.41 -12.02 -13.16
CA ILE C 63 0.22 -10.72 -12.92
C ILE C 63 -0.30 -9.64 -13.90
N GLU C 64 -0.58 -10.07 -15.14
CA GLU C 64 -1.23 -9.23 -16.14
C GLU C 64 -2.63 -8.78 -15.69
N GLU C 65 -3.39 -9.72 -15.14
CA GLU C 65 -4.75 -9.43 -14.66
C GLU C 65 -4.78 -8.56 -13.41
N GLU C 66 -3.80 -8.72 -12.52
CA GLU C 66 -3.78 -7.91 -11.29
C GLU C 66 -3.37 -6.47 -11.56
N LEU C 67 -2.57 -6.23 -12.60
CA LEU C 67 -2.33 -4.87 -13.10
C LEU C 67 -3.63 -4.22 -13.60
N GLY C 68 -4.37 -4.95 -14.43
CA GLY C 68 -5.68 -4.51 -14.93
C GLY C 68 -6.64 -4.15 -13.81
N ASP C 69 -6.65 -4.97 -12.76
CA ASP C 69 -7.43 -4.71 -11.54
C ASP C 69 -7.07 -3.38 -10.89
N VAL C 70 -5.77 -3.10 -10.75
CA VAL C 70 -5.27 -1.84 -10.22
C VAL C 70 -5.66 -0.70 -11.15
N LEU C 71 -5.43 -0.90 -12.46
CA LEU C 71 -5.74 0.10 -13.48
C LEU C 71 -7.22 0.49 -13.49
N PHE C 72 -8.09 -0.49 -13.24
CA PHE C 72 -9.54 -0.23 -13.22
C PHE C 72 -9.92 0.75 -12.12
N VAL C 73 -9.41 0.50 -10.90
CA VAL C 73 -9.72 1.31 -9.72
C VAL C 73 -9.14 2.72 -9.93
N MET C 74 -7.97 2.79 -10.55
CA MET C 74 -7.36 4.06 -10.92
C MET C 74 -8.25 4.86 -11.84
N ILE C 75 -8.78 4.20 -12.88
CA ILE C 75 -9.68 4.84 -13.83
C ILE C 75 -10.94 5.32 -13.10
N CYS C 76 -11.48 4.47 -12.24
CA CYS C 76 -12.60 4.83 -11.36
C CYS C 76 -12.29 6.09 -10.55
N MET C 77 -11.14 6.09 -9.87
CA MET C 77 -10.67 7.24 -9.10
C MET C 77 -10.65 8.50 -9.98
N ALA C 78 -10.02 8.38 -11.15
CA ALA C 78 -9.84 9.50 -12.07
C ALA C 78 -11.18 10.03 -12.61
N ASN C 79 -12.09 9.11 -12.94
CA ASN C 79 -13.41 9.47 -13.44
C ASN C 79 -14.24 10.16 -12.38
N SER C 80 -14.26 9.56 -11.18
CA SER C 80 -14.86 10.13 -9.96
C SER C 80 -14.57 11.61 -9.75
N LEU C 81 -13.33 12.03 -10.06
CA LEU C 81 -12.85 13.40 -9.82
C LEU C 81 -12.63 14.21 -11.11
N ASN C 82 -13.25 13.76 -12.20
CA ASN C 82 -13.17 14.41 -13.52
C ASN C 82 -11.74 14.65 -14.03
N ILE C 83 -10.83 13.74 -13.66
CA ILE C 83 -9.43 13.77 -14.07
C ILE C 83 -9.24 12.91 -15.32
N ASP C 84 -8.57 13.50 -16.32
CA ASP C 84 -8.19 12.79 -17.53
C ASP C 84 -6.75 12.27 -17.40
N LEU C 85 -6.61 10.94 -17.41
CA LEU C 85 -5.30 10.29 -17.20
C LEU C 85 -4.27 10.48 -18.33
N GLU C 86 -4.74 10.88 -19.52
CA GLU C 86 -3.85 11.29 -20.61
C GLU C 86 -3.14 12.59 -20.24
N THR C 87 -3.91 13.55 -19.73
CA THR C 87 -3.36 14.81 -19.19
C THR C 87 -2.38 14.51 -18.06
N ALA C 88 -2.80 13.68 -17.10
CA ALA C 88 -1.97 13.28 -15.96
C ALA C 88 -0.61 12.71 -16.38
N HIS C 89 -0.64 11.81 -17.37
CA HIS C 89 0.54 11.17 -17.95
C HIS C 89 1.49 12.22 -18.56
N ASN C 90 0.91 13.17 -19.28
CA ASN C 90 1.65 14.24 -19.95
C ASN C 90 2.39 15.17 -19.01
N ILE C 91 1.78 15.49 -17.86
CA ILE C 91 2.43 16.38 -16.89
C ILE C 91 3.63 15.71 -16.21
N VAL C 92 3.54 14.39 -16.03
CA VAL C 92 4.64 13.58 -15.52
C VAL C 92 5.77 13.51 -16.55
N MET C 93 5.43 13.23 -17.79
CA MET C 93 6.38 13.19 -18.90
C MET C 93 7.10 14.52 -19.15
N ASN C 94 6.38 15.62 -18.95
CA ASN C 94 6.95 16.97 -19.00
C ASN C 94 7.91 17.26 -17.86
N LYS C 95 7.65 16.69 -16.68
CA LYS C 95 8.53 16.83 -15.53
C LYS C 95 9.88 16.14 -15.77
N PHE C 96 9.86 14.98 -16.45
CA PHE C 96 11.08 14.22 -16.77
C PHE C 96 11.77 14.75 -18.01
N ASN C 97 11.01 15.42 -18.87
CA ASN C 97 11.52 16.07 -20.08
C ASN C 97 12.65 17.05 -19.73
N THR C 98 13.86 16.61 -20.06
CA THR C 98 15.08 17.37 -19.80
C THR C 98 15.22 18.54 -20.79
N ARG C 99 15.91 19.60 -20.34
CA ARG C 99 16.26 20.72 -21.21
C ARG C 99 17.55 20.50 -22.02
N ASP C 100 18.15 19.31 -21.87
CA ASP C 100 19.35 18.90 -22.59
C ASP C 100 19.04 18.64 -24.07
N LYS C 101 19.72 19.39 -24.95
CA LYS C 101 19.56 19.30 -26.41
C LYS C 101 19.99 17.94 -26.98
N ASP C 102 20.84 17.24 -26.24
CA ASP C 102 21.41 15.96 -26.66
C ASP C 102 20.49 14.76 -26.34
N ARG C 103 19.36 15.04 -25.68
CA ARG C 103 18.37 14.04 -25.28
C ARG C 103 16.95 14.54 -25.58
N MET D 1 -8.75 16.68 -28.92
CA MET D 1 -8.05 15.39 -28.61
C MET D 1 -7.06 15.01 -29.70
N GLU D 2 -5.93 14.42 -29.28
CA GLU D 2 -4.91 13.90 -30.22
C GLU D 2 -5.41 12.63 -30.97
N ALA D 3 -5.78 11.53 -30.30
CA ALA D 3 -5.66 11.28 -28.85
C ALA D 3 -4.78 10.05 -28.62
N LYS D 4 -4.01 10.08 -27.53
CA LYS D 4 -3.01 9.05 -27.24
C LYS D 4 -3.58 7.70 -26.84
N THR D 5 -3.10 6.67 -27.53
CA THR D 5 -3.45 5.29 -27.20
C THR D 5 -2.60 4.81 -26.03
N MET D 6 -3.09 3.79 -25.31
CA MET D 6 -2.36 3.18 -24.21
C MET D 6 -1.00 2.65 -24.66
N LYS D 7 -0.97 2.00 -25.83
CA LYS D 7 0.26 1.50 -26.44
C LYS D 7 1.31 2.58 -26.65
N ASP D 8 0.88 3.75 -27.11
CA ASP D 8 1.73 4.93 -27.29
C ASP D 8 2.32 5.42 -25.98
N MET D 9 1.49 5.57 -24.95
CA MET D 9 1.93 6.01 -23.62
C MET D 9 2.99 5.06 -23.04
N GLN D 10 2.81 3.75 -23.28
CA GLN D 10 3.78 2.73 -22.90
C GLN D 10 5.09 2.83 -23.70
N LYS D 11 4.97 2.98 -25.03
CA LYS D 11 6.13 3.24 -25.92
C LYS D 11 6.91 4.49 -25.48
N GLU D 12 6.18 5.53 -25.11
CA GLU D 12 6.72 6.81 -24.65
C GLU D 12 7.58 6.67 -23.40
N VAL D 13 7.11 5.84 -22.45
CA VAL D 13 7.83 5.57 -21.19
C VAL D 13 9.05 4.67 -21.46
N ASP D 14 8.86 3.68 -22.35
CA ASP D 14 9.93 2.76 -22.72
C ASP D 14 11.11 3.47 -23.40
N ALA D 15 10.80 4.46 -24.24
CA ALA D 15 11.81 5.29 -24.90
C ALA D 15 12.58 6.15 -23.88
N TYR D 16 11.87 6.63 -22.85
CA TYR D 16 12.46 7.42 -21.78
C TYR D 16 13.42 6.59 -20.92
N ILE D 17 12.96 5.40 -20.50
CA ILE D 17 13.78 4.47 -19.72
C ILE D 17 14.95 3.91 -20.54
N GLY D 18 14.69 3.65 -21.83
CA GLY D 18 15.68 3.08 -22.75
C GLY D 18 17.02 3.79 -22.88
N GLN D 19 17.06 5.08 -22.51
CA GLN D 19 18.27 5.89 -22.60
C GLN D 19 19.29 5.63 -21.47
N PHE D 20 18.83 5.05 -20.37
CA PHE D 20 19.68 4.79 -19.21
C PHE D 20 20.34 3.42 -19.23
N LYS D 21 21.58 3.35 -18.74
CA LYS D 21 22.32 2.10 -18.60
C LYS D 21 21.61 1.11 -17.68
N GLU D 22 20.93 1.64 -16.66
CA GLU D 22 20.20 0.85 -15.66
C GLU D 22 18.99 0.13 -16.25
N GLY D 23 18.19 0.85 -17.03
CA GLY D 23 16.93 0.33 -17.53
C GLY D 23 15.91 0.23 -16.40
N TYR D 24 15.05 -0.78 -16.46
CA TYR D 24 13.98 -0.94 -15.49
C TYR D 24 14.46 -1.49 -14.16
N PHE D 25 13.79 -1.05 -13.08
CA PHE D 25 13.90 -1.68 -11.75
C PHE D 25 13.45 -3.16 -11.88
N SER D 26 14.03 -4.03 -11.05
CA SER D 26 13.55 -5.41 -10.92
C SER D 26 12.13 -5.39 -10.31
N PRO D 27 11.31 -6.45 -10.59
CA PRO D 27 9.89 -6.37 -10.19
C PRO D 27 9.63 -6.08 -8.71
N LEU D 28 10.44 -6.65 -7.81
CA LEU D 28 10.26 -6.45 -6.37
C LEU D 28 10.59 -5.01 -5.95
N ALA D 29 11.61 -4.43 -6.59
CA ALA D 29 11.97 -3.01 -6.44
C ALA D 29 10.88 -2.08 -7.00
N MET D 30 10.31 -2.46 -8.14
CA MET D 30 9.16 -1.77 -8.75
C MET D 30 7.99 -1.73 -7.79
N MET D 31 7.71 -2.86 -7.15
CA MET D 31 6.60 -3.00 -6.23
C MET D 31 6.75 -2.04 -5.04
N ALA D 32 8.00 -1.86 -4.58
CA ALA D 32 8.33 -0.89 -3.55
C ALA D 32 8.09 0.54 -4.04
N ARG D 33 8.54 0.83 -5.26
CA ARG D 33 8.27 2.13 -5.93
C ARG D 33 6.79 2.44 -6.03
N LEU D 34 6.02 1.40 -6.37
CA LEU D 34 4.59 1.49 -6.49
C LEU D 34 3.91 1.74 -5.15
N THR D 35 4.38 1.08 -4.10
CA THR D 35 3.86 1.30 -2.74
C THR D 35 4.12 2.74 -2.31
N GLU D 36 5.35 3.22 -2.57
CA GLU D 36 5.75 4.60 -2.37
C GLU D 36 4.83 5.62 -3.04
N GLU D 37 4.49 5.41 -4.31
CA GLU D 37 3.67 6.37 -5.04
C GLU D 37 2.24 6.40 -4.55
N MET D 38 1.74 5.21 -4.21
CA MET D 38 0.40 5.03 -3.68
C MET D 38 0.19 5.84 -2.39
N GLY D 39 1.24 5.92 -1.58
CA GLY D 39 1.20 6.65 -0.31
C GLY D 39 1.09 8.14 -0.54
N GLU D 40 1.82 8.61 -1.56
CA GLU D 40 1.76 10.00 -1.98
C GLU D 40 0.38 10.35 -2.53
N LEU D 41 -0.22 9.43 -3.28
CA LEU D 41 -1.63 9.56 -3.67
C LEU D 41 -2.54 9.60 -2.44
N ALA D 42 -2.37 8.65 -1.52
CA ALA D 42 -3.17 8.58 -0.29
C ALA D 42 -3.12 9.88 0.50
N ARG D 43 -1.92 10.45 0.64
CA ARG D 43 -1.72 11.73 1.29
C ARG D 43 -2.59 12.79 0.64
N GLU D 44 -2.53 12.88 -0.70
CA GLU D 44 -3.24 13.92 -1.43
C GLU D 44 -4.76 13.75 -1.34
N VAL D 45 -5.24 12.52 -1.47
CA VAL D 45 -6.66 12.20 -1.31
C VAL D 45 -7.15 12.62 0.09
N ASN D 46 -6.43 12.21 1.14
CA ASN D 46 -6.75 12.63 2.52
C ASN D 46 -6.77 14.16 2.73
N HIS D 47 -5.79 14.85 2.14
CA HIS D 47 -5.67 16.31 2.21
C HIS D 47 -6.91 17.00 1.64
N TYR D 48 -7.34 16.57 0.45
CA TYR D 48 -8.46 17.19 -0.26
C TYR D 48 -9.84 16.63 0.08
N TYR D 49 -9.90 15.43 0.67
CA TYR D 49 -11.18 14.74 0.93
C TYR D 49 -11.39 14.12 2.33
N GLY D 50 -10.46 14.41 3.24
CA GLY D 50 -10.56 13.97 4.64
C GLY D 50 -11.47 14.86 5.46
N SER D 62 -2.69 18.45 -7.94
CA SER D 62 -2.00 17.61 -6.96
C SER D 62 -2.43 16.15 -7.06
N ILE D 63 -3.75 15.89 -7.05
CA ILE D 63 -4.27 14.52 -7.23
C ILE D 63 -4.02 14.08 -8.67
N GLU D 64 -4.33 14.96 -9.63
CA GLU D 64 -4.03 14.74 -11.04
C GLU D 64 -2.56 14.34 -11.24
N GLU D 65 -1.64 15.09 -10.65
CA GLU D 65 -0.22 14.75 -10.73
C GLU D 65 0.16 13.45 -10.00
N GLU D 66 -0.37 13.24 -8.79
CA GLU D 66 -0.01 12.04 -8.04
C GLU D 66 -0.62 10.77 -8.64
N LEU D 67 -1.73 10.90 -9.35
CA LEU D 67 -2.27 9.81 -10.15
C LEU D 67 -1.36 9.50 -11.34
N GLY D 68 -0.87 10.55 -12.01
CA GLY D 68 0.11 10.43 -13.08
C GLY D 68 1.35 9.69 -12.62
N ASP D 69 1.81 10.05 -11.42
CA ASP D 69 2.99 9.44 -10.80
C ASP D 69 2.83 7.93 -10.59
N VAL D 70 1.66 7.53 -10.11
CA VAL D 70 1.37 6.11 -9.90
C VAL D 70 1.24 5.41 -11.25
N LEU D 71 0.61 6.08 -12.22
CA LEU D 71 0.44 5.55 -13.57
C LEU D 71 1.78 5.29 -14.26
N PHE D 72 2.74 6.19 -14.07
CA PHE D 72 4.08 6.05 -14.64
C PHE D 72 4.76 4.76 -14.16
N VAL D 73 4.67 4.48 -12.86
CA VAL D 73 5.28 3.30 -12.26
C VAL D 73 4.56 2.04 -12.74
N MET D 74 3.24 2.13 -12.88
CA MET D 74 2.42 1.07 -13.49
C MET D 74 2.92 0.71 -14.89
N ILE D 75 3.15 1.73 -15.71
CA ILE D 75 3.59 1.54 -17.09
C ILE D 75 4.99 0.93 -17.09
N CYS D 76 5.86 1.43 -16.20
CA CYS D 76 7.20 0.88 -16.00
C CYS D 76 7.13 -0.61 -15.66
N MET D 77 6.28 -0.95 -14.70
CA MET D 77 6.04 -2.32 -14.27
C MET D 77 5.61 -3.19 -15.46
N ALA D 78 4.63 -2.70 -16.21
CA ALA D 78 4.07 -3.45 -17.34
C ALA D 78 5.10 -3.65 -18.45
N ASN D 79 5.82 -2.59 -18.81
CA ASN D 79 6.87 -2.63 -19.82
C ASN D 79 7.98 -3.62 -19.44
N SER D 80 8.44 -3.49 -18.19
CA SER D 80 9.41 -4.40 -17.57
C SER D 80 9.10 -5.89 -17.79
N LEU D 81 7.83 -6.26 -17.73
CA LEU D 81 7.38 -7.64 -17.85
C LEU D 81 6.67 -7.92 -19.20
N ASN D 82 6.94 -7.06 -20.18
CA ASN D 82 6.36 -7.13 -21.52
C ASN D 82 4.84 -7.37 -21.54
N ILE D 83 4.15 -6.62 -20.69
CA ILE D 83 2.69 -6.67 -20.57
C ILE D 83 2.08 -5.44 -21.22
N ASP D 84 1.07 -5.67 -22.06
CA ASP D 84 0.30 -4.59 -22.66
C ASP D 84 -0.95 -4.29 -21.84
N LEU D 85 -1.00 -3.08 -21.28
CA LEU D 85 -2.10 -2.64 -20.41
C LEU D 85 -3.47 -2.47 -21.09
N GLU D 86 -3.50 -2.38 -22.41
CA GLU D 86 -4.76 -2.43 -23.16
C GLU D 86 -5.37 -3.83 -23.04
N THR D 87 -4.55 -4.86 -23.25
CA THR D 87 -4.95 -6.26 -23.04
C THR D 87 -5.41 -6.48 -21.60
N ALA D 88 -4.65 -5.93 -20.64
CA ALA D 88 -5.00 -6.01 -19.22
C ALA D 88 -6.38 -5.42 -18.95
N HIS D 89 -6.61 -4.19 -19.41
CA HIS D 89 -7.89 -3.49 -19.27
C HIS D 89 -9.05 -4.27 -19.89
N ASN D 90 -8.80 -4.84 -21.07
CA ASN D 90 -9.78 -5.65 -21.80
C ASN D 90 -10.22 -6.91 -21.05
N ILE D 91 -9.27 -7.59 -20.41
CA ILE D 91 -9.58 -8.85 -19.71
C ILE D 91 -10.27 -8.65 -18.36
N VAL D 92 -10.17 -7.44 -17.84
CA VAL D 92 -10.93 -7.00 -16.68
C VAL D 92 -12.35 -6.60 -17.09
N MET D 93 -12.48 -5.89 -18.22
CA MET D 93 -13.78 -5.54 -18.79
C MET D 93 -14.62 -6.76 -19.18
N ASN D 94 -13.95 -7.79 -19.71
CA ASN D 94 -14.59 -9.08 -19.99
C ASN D 94 -15.10 -9.78 -18.74
N LYS D 95 -14.35 -9.68 -17.64
CA LYS D 95 -14.75 -10.25 -16.36
C LYS D 95 -16.03 -9.60 -15.84
N PHE D 96 -16.11 -8.27 -15.93
CA PHE D 96 -17.28 -7.52 -15.44
C PHE D 96 -18.46 -7.60 -16.38
N ASN D 97 -18.18 -7.88 -17.65
CA ASN D 97 -19.21 -8.07 -18.68
C ASN D 97 -20.16 -9.22 -18.33
N THR D 98 -21.44 -8.86 -18.21
CA THR D 98 -22.49 -9.79 -17.84
C THR D 98 -23.10 -10.42 -19.09
N ARG D 99 -23.66 -11.63 -18.93
CA ARG D 99 -24.37 -12.32 -20.01
C ARG D 99 -25.87 -11.96 -20.09
N ASP D 100 -26.24 -10.88 -19.39
CA ASP D 100 -27.61 -10.36 -19.36
C ASP D 100 -27.88 -9.50 -20.61
N LYS D 101 -28.85 -9.94 -21.41
CA LYS D 101 -29.26 -9.23 -22.65
C LYS D 101 -29.81 -7.82 -22.41
N ASP D 102 -30.30 -7.58 -21.19
CA ASP D 102 -30.97 -6.34 -20.82
C ASP D 102 -30.01 -5.17 -20.49
N ARG D 103 -28.73 -5.50 -20.28
CA ARG D 103 -27.72 -4.52 -19.83
C ARG D 103 -26.57 -4.41 -20.85
MN MN E . 6.80 5.93 7.49
MN MN F . -4.23 -8.97 6.68
MN MN G . -4.79 -6.70 -8.18
MN MN H . 1.96 9.79 -6.34
#